data_3FXR
#
_entry.id   3FXR
#
_cell.length_a   135.110
_cell.length_b   51.830
_cell.length_c   107.990
_cell.angle_alpha   90.000
_cell.angle_beta   110.520
_cell.angle_gamma   90.000
#
_symmetry.space_group_name_H-M   'C 1 2 1'
#
loop_
_entity.id
_entity.type
_entity.pdbx_description
1 polymer 'LysR type regulator of tsaMBCD'
2 non-polymer 'SULFATE ION'
3 non-polymer GLYCEROL
4 non-polymer 'ASCORBIC ACID'
5 water water
#
_entity_poly.entity_id   1
_entity_poly.type   'polypeptide(L)'
_entity_poly.pdbx_seq_one_letter_code
;MLKLQTLQALICIEEVGSLRAAAQLLHLSQPALSAAIQQLEDELKAPLLVRTKRGVSLTSFGQAFMKHARLIVTESRRAQ
EEIGQLRGRWEGHITFAASPAIALAALPLALASFAREFPDVTVNVRDGMYPAVSPQLRDGTLDFALTAAHKHDIDTDLEA
QPLYVSDVVIVGQRQHPMANATRLAELQECRWAFSSAPRGPGAIIRNAFARYGLPEPKLGLVCESFLALPGVVAHSDLLT
TMPRTLYERNAFKDQLCSIPLQDALPNPTIYVLRRHDLPVTPAAAGLIRWIQHHALQTGHHHHHH
;
_entity_poly.pdbx_strand_id   A,B
#
# COMPACT_ATOMS: atom_id res chain seq x y z
N MET A 1 12.91 -13.56 -26.21
CA MET A 1 12.49 -14.45 -25.09
C MET A 1 12.44 -13.68 -23.77
N LEU A 2 11.33 -13.84 -23.06
CA LEU A 2 11.16 -13.30 -21.70
C LEU A 2 12.40 -13.47 -20.82
N LYS A 3 12.91 -12.36 -20.30
CA LYS A 3 14.14 -12.36 -19.52
C LYS A 3 14.12 -13.32 -18.33
N LEU A 4 13.00 -13.38 -17.61
CA LEU A 4 12.91 -14.29 -16.49
C LEU A 4 13.09 -15.74 -16.91
N GLN A 5 12.57 -16.13 -18.08
CA GLN A 5 12.80 -17.52 -18.53
C GLN A 5 14.25 -17.75 -18.94
N THR A 6 14.90 -16.73 -19.50
CA THR A 6 16.34 -16.79 -19.74
C THR A 6 17.12 -17.00 -18.43
N LEU A 7 16.84 -16.20 -17.40
CA LEU A 7 17.58 -16.32 -16.12
C LEU A 7 17.33 -17.67 -15.47
N GLN A 8 16.06 -18.05 -15.41
CA GLN A 8 15.66 -19.39 -15.04
C GLN A 8 16.43 -20.49 -15.79
N ALA A 9 16.65 -20.31 -17.09
CA ALA A 9 17.40 -21.29 -17.86
C ALA A 9 18.88 -21.35 -17.48
N LEU A 10 19.49 -20.19 -17.24
CA LEU A 10 20.88 -20.13 -16.82
C LEU A 10 21.04 -20.85 -15.49
N ILE A 11 20.07 -20.65 -14.58
CA ILE A 11 20.07 -21.37 -13.31
C ILE A 11 20.07 -22.87 -13.58
N CYS A 12 19.20 -23.32 -14.48
CA CYS A 12 19.16 -24.71 -14.89
C CYS A 12 20.46 -25.18 -15.56
N ILE A 13 21.04 -24.33 -16.42
CA ILE A 13 22.30 -24.65 -17.10
C ILE A 13 23.44 -24.88 -16.12
N GLU A 14 23.52 -24.07 -15.06
CA GLU A 14 24.52 -24.25 -14.00
C GLU A 14 24.41 -25.64 -13.34
N GLU A 15 23.18 -26.11 -13.12
CA GLU A 15 22.93 -27.36 -12.42
C GLU A 15 23.10 -28.59 -13.29
N VAL A 16 22.61 -28.56 -14.52
CA VAL A 16 22.65 -29.76 -15.37
C VAL A 16 23.72 -29.74 -16.47
N GLY A 17 24.41 -28.62 -16.61
CA GLY A 17 25.61 -28.54 -17.46
C GLY A 17 25.42 -28.53 -18.96
N SER A 18 24.22 -28.21 -19.42
CA SER A 18 23.94 -28.17 -20.85
C SER A 18 22.78 -27.23 -21.18
N LEU A 19 23.01 -26.34 -22.15
CA LEU A 19 22.00 -25.46 -22.74
C LEU A 19 20.87 -26.30 -23.34
N ARG A 20 21.26 -27.26 -24.19
CA ARG A 20 20.37 -28.20 -24.83
C ARG A 20 19.46 -28.87 -23.78
N ALA A 21 20.07 -29.47 -22.76
CA ALA A 21 19.35 -30.15 -21.69
C ALA A 21 18.43 -29.23 -20.90
N ALA A 22 18.83 -27.99 -20.70
CA ALA A 22 18.02 -27.05 -19.96
C ALA A 22 16.77 -26.62 -20.72
N ALA A 23 16.91 -26.32 -22.01
CA ALA A 23 15.77 -25.96 -22.87
C ALA A 23 14.70 -27.06 -22.91
N GLN A 24 15.13 -28.31 -22.95
CA GLN A 24 14.22 -29.43 -22.99
C GLN A 24 13.51 -29.60 -21.64
N LEU A 25 14.21 -29.28 -20.56
CA LEU A 25 13.69 -29.43 -19.20
C LEU A 25 12.62 -28.40 -18.90
N LEU A 26 12.83 -27.19 -19.36
CA LEU A 26 11.93 -26.08 -19.07
C LEU A 26 10.95 -25.86 -20.22
N HIS A 27 10.92 -26.82 -21.16
CA HIS A 27 10.09 -26.76 -22.36
C HIS A 27 10.27 -25.45 -23.15
N LEU A 28 11.52 -25.09 -23.40
CA LEU A 28 11.85 -23.93 -24.23
C LEU A 28 12.56 -24.37 -25.51
N SER A 29 12.43 -23.57 -26.55
CA SER A 29 13.10 -23.82 -27.83
C SER A 29 14.62 -23.63 -27.70
N GLN A 30 15.40 -24.61 -28.18
CA GLN A 30 16.88 -24.57 -28.12
C GLN A 30 17.43 -23.39 -28.90
N PRO A 31 17.10 -23.28 -30.20
CA PRO A 31 17.51 -22.11 -30.99
C PRO A 31 17.05 -20.74 -30.42
N ALA A 32 15.91 -20.72 -29.72
CA ALA A 32 15.45 -19.47 -29.12
C ALA A 32 16.24 -19.13 -27.86
N LEU A 33 16.46 -20.13 -27.00
CA LEU A 33 17.23 -19.96 -25.76
C LEU A 33 18.68 -19.55 -26.05
N SER A 34 19.28 -20.25 -27.00
CA SER A 34 20.63 -20.00 -27.45
C SER A 34 20.77 -18.55 -27.94
N ALA A 35 19.81 -18.10 -28.75
CA ALA A 35 19.78 -16.71 -29.21
C ALA A 35 19.54 -15.70 -28.07
N ALA A 36 18.72 -16.07 -27.08
CA ALA A 36 18.47 -15.20 -25.92
C ALA A 36 19.73 -14.98 -25.07
N ILE A 37 20.41 -16.09 -24.72
CA ILE A 37 21.66 -16.02 -23.97
C ILE A 37 22.68 -15.20 -24.73
N GLN A 38 22.82 -15.48 -26.00
CA GLN A 38 23.68 -14.70 -26.88
C GLN A 38 23.34 -13.20 -26.83
N GLN A 39 22.07 -12.86 -26.98
CA GLN A 39 21.65 -11.46 -26.94
C GLN A 39 22.05 -10.83 -25.62
N LEU A 40 21.77 -11.55 -24.53
CA LEU A 40 22.10 -11.10 -23.17
C LEU A 40 23.60 -10.88 -23.01
N GLU A 41 24.40 -11.83 -23.49
CA GLU A 41 25.87 -11.71 -23.50
C GLU A 41 26.39 -10.47 -24.25
N ASP A 42 25.75 -10.14 -25.37
CA ASP A 42 26.12 -8.97 -26.17
C ASP A 42 25.84 -7.69 -25.41
N GLU A 43 24.68 -7.62 -24.75
CA GLU A 43 24.34 -6.52 -23.84
C GLU A 43 25.28 -6.45 -22.65
N LEU A 44 25.69 -7.60 -22.12
CA LEU A 44 26.58 -7.64 -20.98
C LEU A 44 28.02 -7.39 -21.39
N LYS A 45 28.30 -7.65 -22.66
CA LYS A 45 29.64 -7.52 -23.24
C LYS A 45 30.62 -8.54 -22.67
N ALA A 46 30.10 -9.69 -22.26
CA ALA A 46 30.90 -10.82 -21.81
C ALA A 46 30.14 -12.16 -21.96
N PRO A 47 30.87 -13.27 -22.11
CA PRO A 47 30.21 -14.55 -22.17
C PRO A 47 29.83 -15.05 -20.79
N LEU A 48 28.65 -15.64 -20.67
CA LEU A 48 28.22 -16.30 -19.46
C LEU A 48 28.60 -17.80 -19.45
N LEU A 49 28.82 -18.36 -20.64
CA LEU A 49 29.06 -19.79 -20.80
C LEU A 49 30.36 -20.09 -21.55
N VAL A 50 31.12 -21.04 -21.02
CA VAL A 50 32.27 -21.58 -21.73
C VAL A 50 32.05 -23.06 -22.01
N ARG A 51 32.45 -23.48 -23.19
CA ARG A 51 32.28 -24.86 -23.60
C ARG A 51 33.30 -25.78 -22.94
N THR A 52 32.84 -26.98 -22.62
CA THR A 52 33.72 -28.12 -22.28
C THR A 52 33.35 -29.35 -23.15
N LYS A 53 33.93 -30.52 -22.86
CA LYS A 53 33.59 -31.73 -23.63
C LYS A 53 32.13 -32.16 -23.38
N ARG A 54 31.71 -32.12 -22.12
CA ARG A 54 30.34 -32.50 -21.72
C ARG A 54 29.35 -31.44 -22.20
N GLY A 55 29.49 -30.23 -21.69
CA GLY A 55 28.59 -29.17 -22.06
C GLY A 55 29.18 -27.80 -21.85
N VAL A 56 28.53 -27.01 -21.01
CA VAL A 56 29.00 -25.67 -20.72
C VAL A 56 29.16 -25.49 -19.23
N SER A 57 30.01 -24.54 -18.87
CA SER A 57 30.12 -24.08 -17.50
C SER A 57 29.95 -22.57 -17.50
N LEU A 58 29.56 -22.03 -16.35
CA LEU A 58 29.58 -20.60 -16.20
C LEU A 58 31.03 -20.12 -16.28
N THR A 59 31.23 -19.01 -17.00
CA THR A 59 32.52 -18.33 -16.97
C THR A 59 32.64 -17.62 -15.63
N SER A 60 33.77 -16.96 -15.40
CA SER A 60 33.95 -16.10 -14.25
C SER A 60 32.84 -15.02 -14.20
N PHE A 61 32.51 -14.45 -15.36
CA PHE A 61 31.48 -13.42 -15.42
C PHE A 61 30.12 -14.06 -15.15
N GLY A 62 30.00 -15.31 -15.57
CA GLY A 62 28.78 -16.10 -15.42
C GLY A 62 28.50 -16.36 -13.95
N GLN A 63 29.55 -16.68 -13.20
CA GLN A 63 29.41 -16.93 -11.78
C GLN A 63 29.04 -15.66 -11.02
N ALA A 64 29.61 -14.53 -11.44
CA ALA A 64 29.29 -13.23 -10.84
C ALA A 64 27.84 -12.87 -11.13
N PHE A 65 27.43 -13.08 -12.38
CA PHE A 65 26.10 -12.69 -12.82
C PHE A 65 24.99 -13.55 -12.19
N MET A 66 25.28 -14.83 -11.99
CA MET A 66 24.30 -15.81 -11.49
C MET A 66 23.78 -15.47 -10.10
N LYS A 67 24.62 -14.88 -9.26
CA LYS A 67 24.19 -14.45 -7.94
C LYS A 67 23.04 -13.46 -8.06
N HIS A 68 23.19 -12.48 -8.95
CA HIS A 68 22.13 -11.53 -9.23
C HIS A 68 20.92 -12.24 -9.81
N ALA A 69 21.18 -13.08 -10.82
CA ALA A 69 20.13 -13.86 -11.48
C ALA A 69 19.30 -14.67 -10.50
N ARG A 70 19.99 -15.33 -9.56
CA ARG A 70 19.32 -16.15 -8.56
C ARG A 70 18.39 -15.30 -7.72
N LEU A 71 18.85 -14.10 -7.34
CA LEU A 71 18.03 -13.17 -6.53
C LEU A 71 16.82 -12.61 -7.29
N ILE A 72 17.00 -12.33 -8.58
CA ILE A 72 15.92 -11.81 -9.42
C ILE A 72 14.83 -12.88 -9.65
N VAL A 73 15.24 -14.13 -9.83
CA VAL A 73 14.28 -15.21 -10.03
C VAL A 73 13.50 -15.41 -8.75
N THR A 74 14.21 -15.42 -7.63
CA THR A 74 13.59 -15.57 -6.31
C THR A 74 12.62 -14.42 -5.97
N GLU A 75 13.04 -13.19 -6.23
CA GLU A 75 12.21 -12.03 -5.94
C GLU A 75 10.91 -12.10 -6.74
N SER A 76 11.03 -12.46 -8.02
CA SER A 76 9.86 -12.65 -8.88
C SER A 76 8.89 -13.67 -8.30
N ARG A 77 9.41 -14.79 -7.81
CA ARG A 77 8.57 -15.82 -7.22
C ARG A 77 7.88 -15.25 -5.97
N ARG A 78 8.64 -14.59 -5.10
CA ARG A 78 8.08 -14.02 -3.85
C ARG A 78 7.00 -12.96 -4.12
N ALA A 79 7.26 -12.06 -5.07
CA ALA A 79 6.30 -11.04 -5.50
C ALA A 79 4.99 -11.70 -5.91
N GLN A 80 5.09 -12.69 -6.79
CA GLN A 80 3.90 -13.34 -7.28
C GLN A 80 3.16 -14.04 -6.15
N GLU A 81 3.92 -14.54 -5.18
CA GLU A 81 3.33 -15.17 -3.99
C GLU A 81 2.67 -14.18 -3.03
N GLU A 82 3.33 -13.05 -2.76
CA GLU A 82 2.70 -12.04 -1.90
C GLU A 82 1.38 -11.60 -2.50
N ILE A 83 1.42 -11.17 -3.76
CA ILE A 83 0.23 -10.64 -4.40
C ILE A 83 -0.84 -11.72 -4.60
N GLY A 84 -0.42 -12.96 -4.85
CA GLY A 84 -1.35 -14.08 -4.96
C GLY A 84 -2.17 -14.30 -3.71
N GLN A 85 -1.55 -14.09 -2.56
CA GLN A 85 -2.20 -14.18 -1.25
C GLN A 85 -3.15 -13.00 -1.06
N LEU A 86 -2.61 -11.78 -1.17
CA LEU A 86 -3.41 -10.57 -1.06
C LEU A 86 -4.64 -10.59 -2.00
N ARG A 87 -4.40 -10.86 -3.28
CA ARG A 87 -5.49 -10.98 -4.27
C ARG A 87 -6.43 -12.15 -3.97
N GLY A 88 -5.86 -13.25 -3.48
CA GLY A 88 -6.61 -14.43 -3.06
C GLY A 88 -7.58 -14.10 -1.94
N ARG A 89 -7.13 -13.29 -0.98
CA ARG A 89 -7.97 -12.82 0.11
C ARG A 89 -9.05 -11.87 -0.43
N TRP A 90 -8.65 -11.02 -1.37
CA TRP A 90 -9.56 -10.06 -2.01
C TRP A 90 -10.69 -10.75 -2.77
N GLU A 91 -10.29 -11.63 -3.71
CA GLU A 91 -11.23 -12.32 -4.60
C GLU A 91 -12.10 -13.34 -3.85
N GLY A 92 -11.58 -13.90 -2.75
CA GLY A 92 -12.31 -14.89 -1.96
C GLY A 92 -13.34 -14.40 -0.94
N HIS A 93 -13.66 -13.10 -0.97
CA HIS A 93 -14.59 -12.45 -0.01
C HIS A 93 -15.48 -11.41 -0.69
N ILE A 94 -16.79 -11.49 -0.44
CA ILE A 94 -17.76 -10.49 -0.88
C ILE A 94 -18.57 -10.07 0.33
N THR A 95 -18.73 -8.77 0.50
CA THR A 95 -19.60 -8.24 1.55
C THR A 95 -20.55 -7.19 0.99
N PHE A 96 -21.84 -7.47 1.09
CA PHE A 96 -22.84 -6.60 0.49
C PHE A 96 -24.13 -6.44 1.33
N ALA A 97 -24.98 -5.50 0.92
CA ALA A 97 -26.23 -5.22 1.60
C ALA A 97 -27.36 -5.35 0.61
N ALA A 98 -28.45 -5.96 1.06
CA ALA A 98 -29.60 -6.17 0.20
C ALA A 98 -30.88 -5.62 0.80
N SER A 99 -31.75 -5.10 -0.07
CA SER A 99 -33.13 -4.75 0.24
C SER A 99 -33.95 -6.02 0.57
N PRO A 100 -35.06 -5.85 1.31
CA PRO A 100 -35.93 -6.97 1.68
C PRO A 100 -36.41 -7.81 0.50
N ALA A 101 -36.84 -7.15 -0.57
CA ALA A 101 -37.34 -7.84 -1.77
C ALA A 101 -36.27 -8.69 -2.44
N ILE A 102 -35.07 -8.15 -2.62
CA ILE A 102 -33.95 -8.89 -3.23
C ILE A 102 -33.63 -10.11 -2.35
N ALA A 103 -33.71 -9.93 -1.04
CA ALA A 103 -33.32 -10.93 -0.06
C ALA A 103 -34.33 -12.07 0.00
N LEU A 104 -35.55 -11.78 -0.44
CA LEU A 104 -36.64 -12.75 -0.32
C LEU A 104 -36.88 -13.51 -1.62
N ALA A 105 -36.49 -12.92 -2.75
CA ALA A 105 -36.78 -13.52 -4.04
C ALA A 105 -35.51 -13.76 -4.85
N ALA A 106 -34.79 -12.68 -5.18
CA ALA A 106 -33.63 -12.79 -6.06
C ALA A 106 -32.48 -13.58 -5.42
N LEU A 107 -32.03 -13.12 -4.25
CA LEU A 107 -30.84 -13.63 -3.59
C LEU A 107 -30.75 -15.16 -3.44
N PRO A 108 -31.77 -15.81 -2.84
CA PRO A 108 -31.72 -17.27 -2.62
C PRO A 108 -31.38 -18.09 -3.87
N LEU A 109 -32.03 -17.79 -4.98
CA LEU A 109 -31.75 -18.49 -6.23
C LEU A 109 -30.42 -18.04 -6.82
N ALA A 110 -30.11 -16.75 -6.68
CA ALA A 110 -28.82 -16.22 -7.09
C ALA A 110 -27.68 -16.92 -6.35
N LEU A 111 -27.81 -17.03 -5.02
CA LEU A 111 -26.73 -17.59 -4.21
C LEU A 111 -26.38 -19.04 -4.54
N ALA A 112 -27.39 -19.84 -4.85
CA ALA A 112 -27.18 -21.24 -5.22
C ALA A 112 -26.34 -21.34 -6.48
N SER A 113 -26.78 -20.67 -7.54
CA SER A 113 -26.11 -20.69 -8.84
C SER A 113 -24.72 -20.09 -8.74
N PHE A 114 -24.63 -18.95 -8.08
CA PHE A 114 -23.37 -18.25 -7.89
C PHE A 114 -22.29 -19.17 -7.32
N ALA A 115 -22.66 -19.91 -6.26
CA ALA A 115 -21.71 -20.70 -5.48
C ALA A 115 -21.16 -21.90 -6.25
N ARG A 116 -21.86 -22.30 -7.30
CA ARG A 116 -21.31 -23.32 -8.19
C ARG A 116 -20.26 -22.70 -9.11
N GLU A 117 -20.57 -21.53 -9.70
CA GLU A 117 -19.65 -20.82 -10.60
C GLU A 117 -18.46 -20.22 -9.86
N PHE A 118 -18.66 -19.86 -8.59
CA PHE A 118 -17.61 -19.27 -7.76
C PHE A 118 -17.57 -19.99 -6.42
N PRO A 119 -16.98 -21.20 -6.38
CA PRO A 119 -17.05 -22.07 -5.22
C PRO A 119 -16.13 -21.68 -4.06
N ASP A 120 -15.14 -20.84 -4.30
CA ASP A 120 -14.16 -20.51 -3.26
C ASP A 120 -14.35 -19.15 -2.56
N VAL A 121 -15.56 -18.58 -2.68
CA VAL A 121 -15.82 -17.25 -2.14
C VAL A 121 -16.75 -17.29 -0.93
N THR A 122 -16.28 -16.74 0.19
CA THR A 122 -17.15 -16.45 1.33
C THR A 122 -17.97 -15.23 0.96
N VAL A 123 -19.28 -15.34 1.14
CA VAL A 123 -20.17 -14.22 0.97
C VAL A 123 -20.76 -13.83 2.33
N ASN A 124 -20.80 -12.52 2.58
CA ASN A 124 -21.37 -11.97 3.79
C ASN A 124 -22.52 -11.06 3.37
N VAL A 125 -23.73 -11.38 3.80
CA VAL A 125 -24.90 -10.62 3.36
C VAL A 125 -25.57 -9.92 4.55
N ARG A 126 -25.88 -8.65 4.39
CA ARG A 126 -26.64 -7.94 5.42
C ARG A 126 -27.82 -7.14 4.88
N ASP A 127 -28.73 -6.77 5.77
CA ASP A 127 -29.82 -5.85 5.47
C ASP A 127 -29.19 -4.47 5.23
N GLY A 128 -29.74 -3.72 4.29
CA GLY A 128 -29.26 -2.38 4.05
C GLY A 128 -30.20 -1.54 3.23
N MET A 129 -30.03 -0.24 3.35
CA MET A 129 -30.83 0.72 2.60
C MET A 129 -30.07 2.02 2.40
N TYR A 130 -30.23 2.61 1.23
CA TYR A 130 -29.71 3.94 0.93
C TYR A 130 -30.70 4.99 1.46
N PRO A 131 -30.21 6.04 2.14
CA PRO A 131 -28.81 6.50 2.28
C PRO A 131 -27.93 5.91 3.38
N ALA A 132 -28.46 5.06 4.26
CA ALA A 132 -27.65 4.56 5.40
C ALA A 132 -26.36 3.79 5.01
N VAL A 133 -26.39 3.05 3.90
CA VAL A 133 -25.26 2.24 3.43
C VAL A 133 -24.12 3.09 2.86
N SER A 134 -24.43 4.34 2.50
CA SER A 134 -23.48 5.25 1.86
C SER A 134 -22.11 5.34 2.55
N PRO A 135 -22.06 5.60 3.89
CA PRO A 135 -20.75 5.75 4.55
C PRO A 135 -19.83 4.52 4.51
N GLN A 136 -20.42 3.32 4.57
CA GLN A 136 -19.63 2.09 4.57
C GLN A 136 -19.26 1.61 3.15
N LEU A 137 -20.06 2.00 2.15
CA LEU A 137 -19.67 1.86 0.75
C LEU A 137 -18.45 2.74 0.47
N ARG A 138 -18.49 3.96 1.02
CA ARG A 138 -17.44 4.96 0.86
C ARG A 138 -16.15 4.57 1.57
N ASP A 139 -16.27 4.02 2.78
CA ASP A 139 -15.08 3.64 3.56
C ASP A 139 -14.63 2.20 3.27
N GLY A 140 -15.35 1.53 2.37
CA GLY A 140 -14.93 0.24 1.86
C GLY A 140 -15.34 -0.99 2.66
N THR A 141 -15.82 -0.81 3.90
CA THR A 141 -16.23 -1.98 4.69
C THR A 141 -17.39 -2.74 4.05
N LEU A 142 -18.00 -2.13 3.03
CA LEU A 142 -19.10 -2.73 2.28
C LEU A 142 -18.82 -2.64 0.77
N ASP A 143 -18.78 -3.79 0.10
CA ASP A 143 -18.44 -3.84 -1.34
C ASP A 143 -19.50 -3.15 -2.22
N PHE A 144 -20.75 -3.62 -2.16
CA PHE A 144 -21.85 -2.97 -2.83
C PHE A 144 -23.15 -3.13 -2.05
N ALA A 145 -24.15 -2.35 -2.44
CA ALA A 145 -25.47 -2.46 -1.85
C ALA A 145 -26.52 -2.60 -2.95
N LEU A 146 -27.53 -3.43 -2.69
CA LEU A 146 -28.63 -3.59 -3.62
C LEU A 146 -29.86 -3.00 -2.96
N THR A 147 -30.13 -1.74 -3.27
CA THR A 147 -31.11 -0.98 -2.53
C THR A 147 -31.88 -0.05 -3.44
N ALA A 148 -33.07 0.36 -3.00
CA ALA A 148 -33.81 1.41 -3.69
C ALA A 148 -33.05 2.73 -3.58
N ALA A 149 -33.23 3.57 -4.59
CA ALA A 149 -32.71 4.94 -4.58
C ALA A 149 -33.48 5.79 -5.60
N HIS A 150 -33.22 7.10 -5.58
CA HIS A 150 -33.67 8.01 -6.61
C HIS A 150 -32.48 8.52 -7.41
N LYS A 151 -32.48 8.19 -8.71
CA LYS A 151 -31.43 8.55 -9.66
C LYS A 151 -30.94 9.99 -9.48
N HIS A 152 -31.87 10.94 -9.46
CA HIS A 152 -31.52 12.35 -9.41
C HIS A 152 -31.07 12.81 -8.03
N ASP A 153 -30.89 11.87 -7.09
CA ASP A 153 -30.50 12.16 -5.71
C ASP A 153 -29.64 11.05 -5.11
N ILE A 154 -28.44 10.88 -5.64
CA ILE A 154 -27.48 9.87 -5.17
C ILE A 154 -26.07 10.48 -5.01
N ASP A 155 -25.35 10.02 -3.99
CA ASP A 155 -24.00 10.49 -3.71
C ASP A 155 -23.12 10.42 -4.96
N THR A 156 -22.25 11.40 -5.14
CA THR A 156 -21.37 11.48 -6.33
C THR A 156 -20.27 10.42 -6.30
N ASP A 157 -19.86 10.02 -5.10
CA ASP A 157 -18.82 8.99 -4.90
C ASP A 157 -19.29 7.63 -5.37
N LEU A 158 -20.58 7.52 -5.65
CA LEU A 158 -21.21 6.23 -5.90
C LEU A 158 -21.57 6.09 -7.37
N GLU A 159 -21.31 4.90 -7.91
CA GLU A 159 -21.88 4.53 -9.19
C GLU A 159 -23.21 3.83 -8.95
N ALA A 160 -24.17 4.03 -9.86
CA ALA A 160 -25.47 3.39 -9.73
C ALA A 160 -25.95 2.70 -11.01
N GLN A 161 -26.01 1.37 -10.96
CA GLN A 161 -26.53 0.59 -12.06
C GLN A 161 -27.91 0.07 -11.69
N PRO A 162 -28.94 0.39 -12.49
CA PRO A 162 -30.29 -0.11 -12.24
C PRO A 162 -30.32 -1.64 -12.24
N LEU A 163 -31.02 -2.21 -11.28
CA LEU A 163 -31.13 -3.65 -11.20
C LEU A 163 -32.51 -4.12 -11.68
N TYR A 164 -33.59 -3.64 -11.05
CA TYR A 164 -34.95 -3.81 -11.59
C TYR A 164 -35.90 -2.72 -11.07
N VAL A 165 -37.07 -2.65 -11.65
CA VAL A 165 -38.04 -1.66 -11.20
C VAL A 165 -39.02 -2.35 -10.27
N SER A 166 -39.14 -1.85 -9.04
CA SER A 166 -39.92 -2.53 -8.00
C SER A 166 -41.35 -2.02 -7.79
N ASP A 167 -42.09 -2.73 -6.95
CA ASP A 167 -43.49 -2.43 -6.67
C ASP A 167 -43.71 -2.15 -5.17
N VAL A 168 -44.66 -1.27 -4.89
CA VAL A 168 -45.06 -0.94 -3.54
C VAL A 168 -46.57 -1.11 -3.45
N VAL A 169 -47.03 -1.72 -2.37
CA VAL A 169 -48.46 -1.97 -2.14
C VAL A 169 -48.84 -1.53 -0.73
N ILE A 170 -50.07 -1.05 -0.57
CA ILE A 170 -50.59 -0.74 0.76
C ILE A 170 -51.14 -2.01 1.38
N VAL A 171 -50.72 -2.28 2.63
CA VAL A 171 -51.05 -3.53 3.30
C VAL A 171 -51.78 -3.27 4.60
N GLY A 172 -52.72 -4.16 4.91
CA GLY A 172 -53.48 -4.09 6.12
C GLY A 172 -53.87 -5.45 6.69
N GLN A 173 -54.42 -5.40 7.88
CA GLN A 173 -55.03 -6.53 8.54
C GLN A 173 -56.16 -7.07 7.62
N ARG A 174 -56.27 -8.39 7.51
CA ARG A 174 -57.17 -9.04 6.55
C ARG A 174 -58.59 -8.48 6.45
N GLN A 175 -59.18 -8.09 7.58
CA GLN A 175 -60.49 -7.44 7.51
C GLN A 175 -60.41 -5.99 7.90
N HIS A 176 -59.46 -5.26 7.32
CA HIS A 176 -59.34 -3.83 7.61
C HIS A 176 -60.62 -3.14 7.16
N PRO A 177 -61.13 -2.19 7.97
CA PRO A 177 -62.31 -1.40 7.58
C PRO A 177 -62.18 -0.73 6.20
N MET A 178 -60.94 -0.52 5.75
CA MET A 178 -60.68 0.19 4.48
C MET A 178 -60.16 -0.76 3.41
N ALA A 179 -60.33 -2.06 3.62
CA ALA A 179 -59.94 -3.06 2.62
C ALA A 179 -60.55 -2.83 1.23
N ASN A 180 -61.71 -2.16 1.16
CA ASN A 180 -62.38 -1.90 -0.13
C ASN A 180 -62.07 -0.55 -0.77
N ALA A 181 -61.16 0.21 -0.17
CA ALA A 181 -60.84 1.51 -0.70
C ALA A 181 -60.28 1.42 -2.11
N THR A 182 -60.65 2.37 -2.96
CA THR A 182 -60.03 2.50 -4.28
C THR A 182 -59.21 3.80 -4.44
N ARG A 183 -59.27 4.67 -3.43
CA ARG A 183 -58.57 5.94 -3.48
C ARG A 183 -57.84 6.25 -2.19
N LEU A 184 -56.71 6.91 -2.33
CA LEU A 184 -55.90 7.42 -1.21
C LEU A 184 -56.73 8.25 -0.20
N ALA A 185 -57.56 9.17 -0.69
CA ALA A 185 -58.38 10.02 0.18
C ALA A 185 -59.26 9.21 1.15
N GLU A 186 -59.75 8.05 0.68
CA GLU A 186 -60.48 7.11 1.55
C GLU A 186 -59.66 6.58 2.76
N LEU A 187 -58.33 6.78 2.75
CA LEU A 187 -57.47 6.33 3.86
C LEU A 187 -56.94 7.45 4.76
N GLN A 188 -57.30 8.69 4.45
CA GLN A 188 -56.97 9.85 5.27
C GLN A 188 -57.16 9.65 6.78
N GLU A 189 -58.13 8.82 7.16
CA GLU A 189 -58.46 8.65 8.58
C GLU A 189 -57.71 7.49 9.24
N CYS A 190 -56.99 6.70 8.44
CA CYS A 190 -56.24 5.57 8.96
C CYS A 190 -54.93 6.01 9.59
N ARG A 191 -54.42 5.17 10.48
CA ARG A 191 -53.09 5.41 11.07
C ARG A 191 -52.07 4.48 10.41
N TRP A 192 -50.84 4.97 10.28
CA TRP A 192 -49.83 4.26 9.48
C TRP A 192 -48.64 3.76 10.30
N ALA A 193 -48.17 2.58 9.95
CA ALA A 193 -46.86 2.10 10.37
C ALA A 193 -45.83 2.56 9.31
N PHE A 194 -45.23 3.72 9.58
CA PHE A 194 -44.22 4.31 8.72
C PHE A 194 -43.06 3.34 8.49
N SER A 195 -43.02 2.74 7.31
CA SER A 195 -41.92 1.86 6.92
C SER A 195 -40.79 2.70 6.32
N SER A 196 -39.60 2.11 6.24
CA SER A 196 -38.38 2.82 5.81
C SER A 196 -38.25 3.00 4.31
N ALA A 197 -37.69 4.14 3.92
CA ALA A 197 -37.49 4.50 2.53
C ALA A 197 -36.33 5.50 2.43
N PRO A 198 -35.71 5.62 1.24
CA PRO A 198 -34.58 6.54 1.06
C PRO A 198 -34.82 7.95 1.58
N ARG A 199 -36.01 8.52 1.36
CA ARG A 199 -36.30 9.87 1.87
C ARG A 199 -36.89 9.91 3.28
N GLY A 200 -36.69 8.86 4.08
CA GLY A 200 -37.07 8.91 5.49
C GLY A 200 -38.26 8.01 5.87
N PRO A 201 -38.54 7.88 7.18
CA PRO A 201 -39.68 7.09 7.65
C PRO A 201 -40.96 7.50 6.91
N GLY A 202 -41.71 6.51 6.43
CA GLY A 202 -42.98 6.76 5.74
C GLY A 202 -42.97 7.72 4.57
N ALA A 203 -41.80 7.96 3.97
CA ALA A 203 -41.67 8.96 2.91
C ALA A 203 -42.55 8.64 1.69
N ILE A 204 -42.69 7.35 1.37
CA ILE A 204 -43.53 6.94 0.25
C ILE A 204 -45.00 7.35 0.43
N ILE A 205 -45.61 6.97 1.56
CA ILE A 205 -47.02 7.35 1.84
C ILE A 205 -47.25 8.87 2.07
N ARG A 206 -46.31 9.53 2.77
CA ARG A 206 -46.37 10.99 2.92
C ARG A 206 -46.41 11.68 1.57
N ASN A 207 -45.46 11.33 0.69
CA ASN A 207 -45.38 11.91 -0.64
C ASN A 207 -46.54 11.54 -1.57
N ALA A 208 -47.11 10.36 -1.37
CA ALA A 208 -48.29 9.99 -2.15
C ALA A 208 -49.46 10.88 -1.73
N PHE A 209 -49.72 10.95 -0.42
CA PHE A 209 -50.73 11.83 0.16
C PHE A 209 -50.55 13.28 -0.30
N ALA A 210 -49.30 13.76 -0.35
CA ALA A 210 -49.05 15.15 -0.75
C ALA A 210 -49.45 15.43 -2.19
N ARG A 211 -49.01 14.56 -3.11
CA ARG A 211 -49.27 14.81 -4.51
C ARG A 211 -50.75 14.67 -4.85
N TYR A 212 -51.47 13.82 -4.11
CA TYR A 212 -52.90 13.67 -4.32
C TYR A 212 -53.76 14.71 -3.57
N GLY A 213 -53.11 15.72 -3.01
CA GLY A 213 -53.81 16.85 -2.43
C GLY A 213 -54.25 16.70 -0.99
N LEU A 214 -53.79 15.64 -0.32
CA LEU A 214 -54.20 15.32 1.04
C LEU A 214 -53.27 15.90 2.09
N PRO A 215 -53.76 16.05 3.34
CA PRO A 215 -52.90 16.47 4.45
C PRO A 215 -51.90 15.36 4.78
N GLU A 216 -51.02 15.60 5.75
CA GLU A 216 -50.12 14.56 6.22
C GLU A 216 -50.91 13.32 6.68
N PRO A 217 -50.41 12.11 6.35
CA PRO A 217 -50.92 10.86 6.90
C PRO A 217 -50.77 10.80 8.42
N LYS A 218 -51.77 10.30 9.12
CA LYS A 218 -51.75 10.19 10.58
C LYS A 218 -50.80 9.08 11.02
N LEU A 219 -49.86 9.41 11.92
CA LEU A 219 -48.86 8.45 12.38
C LEU A 219 -49.41 7.48 13.43
N GLY A 220 -49.18 6.19 13.21
CA GLY A 220 -49.45 5.19 14.23
C GLY A 220 -48.18 4.84 14.97
N LEU A 221 -47.15 4.45 14.21
CA LEU A 221 -45.83 4.17 14.76
C LEU A 221 -44.77 4.12 13.66
N VAL A 222 -43.49 4.14 14.04
CA VAL A 222 -42.41 4.03 13.07
C VAL A 222 -41.82 2.63 13.21
N CYS A 223 -41.89 1.86 12.13
CA CYS A 223 -41.36 0.51 12.16
C CYS A 223 -40.27 0.34 11.12
N GLU A 224 -39.02 0.39 11.56
CA GLU A 224 -37.88 0.34 10.66
C GLU A 224 -37.54 -1.12 10.31
N SER A 225 -37.85 -2.05 11.19
CA SER A 225 -37.64 -3.46 10.88
C SER A 225 -38.68 -3.98 9.87
N PHE A 226 -38.23 -4.28 8.65
CA PHE A 226 -39.10 -4.98 7.70
C PHE A 226 -39.39 -6.42 8.12
N LEU A 227 -38.54 -7.00 8.96
CA LEU A 227 -38.85 -8.29 9.52
C LEU A 227 -40.10 -8.18 10.39
N ALA A 228 -40.20 -7.12 11.18
CA ALA A 228 -41.30 -6.99 12.14
C ALA A 228 -42.60 -6.51 11.50
N LEU A 229 -42.49 -5.74 10.41
CA LEU A 229 -43.64 -5.03 9.83
C LEU A 229 -44.91 -5.88 9.50
N PRO A 230 -44.76 -7.05 8.86
CA PRO A 230 -46.00 -7.77 8.53
C PRO A 230 -46.83 -8.23 9.73
N GLY A 231 -46.20 -8.82 10.76
CA GLY A 231 -46.91 -9.18 11.98
C GLY A 231 -47.50 -8.02 12.77
N VAL A 232 -46.81 -6.88 12.74
CA VAL A 232 -47.25 -5.69 13.45
C VAL A 232 -48.59 -5.17 12.88
N VAL A 233 -48.67 -5.16 11.55
CA VAL A 233 -49.86 -4.70 10.87
C VAL A 233 -50.99 -5.72 11.00
N ALA A 234 -50.63 -6.99 11.18
CA ALA A 234 -51.60 -8.07 11.27
C ALA A 234 -52.37 -8.07 12.59
N HIS A 235 -51.73 -7.55 13.64
CA HIS A 235 -52.31 -7.51 14.98
C HIS A 235 -52.70 -6.09 15.42
N SER A 236 -53.08 -5.26 14.45
CA SER A 236 -53.45 -3.87 14.69
C SER A 236 -54.36 -3.42 13.55
N ASP A 237 -54.82 -2.16 13.60
CA ASP A 237 -55.54 -1.58 12.46
C ASP A 237 -54.70 -0.61 11.63
N LEU A 238 -53.39 -0.63 11.83
CA LEU A 238 -52.47 0.26 11.12
C LEU A 238 -52.29 -0.22 9.69
N LEU A 239 -52.27 0.72 8.76
CA LEU A 239 -51.87 0.45 7.39
C LEU A 239 -50.37 0.74 7.23
N THR A 240 -49.76 0.11 6.23
CA THR A 240 -48.38 0.40 5.85
C THR A 240 -48.21 0.28 4.34
N THR A 241 -47.07 0.73 3.83
CA THR A 241 -46.66 0.36 2.48
C THR A 241 -45.45 -0.54 2.62
N MET A 242 -45.29 -1.46 1.69
CA MET A 242 -44.13 -2.37 1.69
C MET A 242 -43.87 -2.85 0.27
N PRO A 243 -42.68 -3.43 0.02
CA PRO A 243 -42.43 -4.11 -1.25
C PRO A 243 -43.42 -5.24 -1.51
N ARG A 244 -43.87 -5.40 -2.76
CA ARG A 244 -44.76 -6.50 -3.13
C ARG A 244 -44.24 -7.88 -2.71
N THR A 245 -42.93 -8.07 -2.83
CA THR A 245 -42.28 -9.31 -2.48
C THR A 245 -42.40 -9.62 -0.98
N LEU A 246 -42.25 -8.60 -0.13
CA LEU A 246 -42.46 -8.74 1.31
C LEU A 246 -43.91 -9.15 1.59
N TYR A 247 -44.86 -8.47 0.94
CA TYR A 247 -46.28 -8.81 1.06
C TYR A 247 -46.58 -10.23 0.61
N GLU A 248 -45.82 -10.72 -0.36
CA GLU A 248 -46.10 -12.01 -0.92
C GLU A 248 -45.34 -13.12 -0.23
N ARG A 249 -44.24 -12.76 0.42
CA ARG A 249 -43.44 -13.71 1.17
C ARG A 249 -43.17 -13.19 2.58
N ASN A 250 -44.17 -13.30 3.45
CA ASN A 250 -44.00 -13.05 4.88
C ASN A 250 -44.73 -14.12 5.68
N ALA A 251 -44.50 -14.15 6.99
CA ALA A 251 -45.05 -15.18 7.88
C ALA A 251 -46.52 -14.98 8.25
N PHE A 252 -47.09 -13.84 7.91
CA PHE A 252 -48.45 -13.54 8.32
C PHE A 252 -49.42 -13.37 7.14
N LYS A 253 -49.10 -13.97 6.00
CA LYS A 253 -49.87 -13.80 4.76
C LYS A 253 -51.37 -13.96 4.94
N ASP A 254 -51.80 -15.07 5.54
CA ASP A 254 -53.24 -15.33 5.71
C ASP A 254 -53.99 -14.38 6.68
N GLN A 255 -53.24 -13.48 7.33
CA GLN A 255 -53.84 -12.49 8.25
C GLN A 255 -53.76 -11.07 7.70
N LEU A 256 -53.30 -10.95 6.45
CA LEU A 256 -53.13 -9.64 5.82
C LEU A 256 -53.90 -9.53 4.52
N CYS A 257 -54.13 -8.30 4.08
CA CYS A 257 -54.64 -8.04 2.73
C CYS A 257 -53.85 -6.89 2.11
N SER A 258 -53.85 -6.80 0.79
CA SER A 258 -53.42 -5.55 0.16
C SER A 258 -54.64 -4.68 -0.18
N ILE A 259 -54.43 -3.38 -0.23
CA ILE A 259 -55.50 -2.47 -0.58
C ILE A 259 -55.17 -1.80 -1.90
N PRO A 260 -55.55 -2.42 -3.01
CA PRO A 260 -55.13 -1.94 -4.32
C PRO A 260 -55.94 -0.71 -4.78
N LEU A 261 -55.24 0.41 -4.86
CA LEU A 261 -55.84 1.68 -5.16
C LEU A 261 -55.73 1.94 -6.63
N GLN A 262 -56.73 2.62 -7.16
CA GLN A 262 -56.70 3.05 -8.54
C GLN A 262 -55.85 4.32 -8.65
N ASP A 263 -55.48 4.87 -7.50
CA ASP A 263 -54.50 5.94 -7.44
C ASP A 263 -53.13 5.29 -7.57
N ALA A 264 -52.19 6.00 -8.17
CA ALA A 264 -50.90 5.40 -8.47
C ALA A 264 -49.92 5.57 -7.33
N LEU A 265 -49.24 4.48 -7.01
CA LEU A 265 -48.10 4.54 -6.11
C LEU A 265 -46.83 4.51 -6.97
N PRO A 266 -45.68 4.84 -6.37
CA PRO A 266 -44.42 4.84 -7.13
C PRO A 266 -43.89 3.43 -7.44
N ASN A 267 -42.96 3.37 -8.37
CA ASN A 267 -42.20 2.15 -8.62
C ASN A 267 -40.73 2.37 -8.36
N PRO A 268 -40.30 2.18 -7.09
CA PRO A 268 -38.93 2.40 -6.65
C PRO A 268 -37.94 1.58 -7.43
N THR A 269 -36.98 2.26 -8.06
CA THR A 269 -35.93 1.62 -8.81
C THR A 269 -34.86 1.09 -7.85
N ILE A 270 -34.57 -0.20 -7.96
CA ILE A 270 -33.56 -0.85 -7.15
C ILE A 270 -32.21 -0.72 -7.86
N TYR A 271 -31.18 -0.24 -7.15
CA TYR A 271 -29.87 0.00 -7.76
C TYR A 271 -28.76 -0.86 -7.14
N VAL A 272 -27.77 -1.18 -7.97
CA VAL A 272 -26.47 -1.58 -7.49
C VAL A 272 -25.74 -0.30 -7.16
N LEU A 273 -25.34 -0.12 -5.90
CA LEU A 273 -24.56 1.06 -5.50
C LEU A 273 -23.19 0.63 -4.98
N ARG A 274 -22.15 1.27 -5.51
CA ARG A 274 -20.76 1.03 -5.09
C ARG A 274 -19.93 2.30 -5.29
N ARG A 275 -18.81 2.37 -4.59
CA ARG A 275 -17.86 3.46 -4.75
C ARG A 275 -17.17 3.30 -6.08
N HIS A 276 -17.15 4.35 -6.89
CA HIS A 276 -16.54 4.18 -8.19
C HIS A 276 -15.06 4.12 -8.29
N ASP A 277 -14.32 4.67 -7.37
CA ASP A 277 -12.91 4.46 -7.49
C ASP A 277 -12.55 2.96 -7.40
N LEU A 278 -13.33 2.19 -6.64
CA LEU A 278 -13.02 0.81 -6.30
C LEU A 278 -13.10 -0.24 -7.38
N PRO A 279 -12.05 -1.04 -7.50
CA PRO A 279 -12.06 -2.21 -8.38
C PRO A 279 -13.02 -3.29 -7.85
N VAL A 280 -13.80 -3.87 -8.76
CA VAL A 280 -14.79 -4.91 -8.44
C VAL A 280 -14.20 -6.30 -8.71
N THR A 281 -14.33 -7.23 -7.76
CA THR A 281 -13.83 -8.58 -7.97
C THR A 281 -14.65 -9.33 -9.02
N PRO A 282 -13.99 -10.21 -9.79
CA PRO A 282 -14.68 -11.15 -10.69
C PRO A 282 -15.89 -11.82 -10.03
N ALA A 283 -15.71 -12.30 -8.79
CA ALA A 283 -16.81 -12.90 -8.03
C ALA A 283 -17.96 -11.90 -7.71
N ALA A 284 -17.59 -10.69 -7.32
CA ALA A 284 -18.57 -9.64 -7.01
C ALA A 284 -19.45 -9.34 -8.23
N ALA A 285 -18.81 -9.16 -9.38
CA ALA A 285 -19.51 -8.97 -10.65
C ALA A 285 -20.36 -10.19 -10.98
N GLY A 286 -19.84 -11.37 -10.65
CA GLY A 286 -20.53 -12.63 -10.91
C GLY A 286 -21.81 -12.73 -10.11
N LEU A 287 -21.72 -12.44 -8.82
CA LEU A 287 -22.89 -12.44 -7.94
C LEU A 287 -23.96 -11.46 -8.43
N ILE A 288 -23.53 -10.28 -8.88
CA ILE A 288 -24.44 -9.28 -9.43
C ILE A 288 -25.17 -9.82 -10.66
N ARG A 289 -24.42 -10.42 -11.60
CA ARG A 289 -25.03 -11.10 -12.77
C ARG A 289 -26.10 -12.13 -12.38
N TRP A 290 -25.81 -12.95 -11.38
CA TRP A 290 -26.77 -13.95 -10.93
C TRP A 290 -28.00 -13.35 -10.26
N ILE A 291 -27.81 -12.35 -9.39
CA ILE A 291 -28.95 -11.61 -8.81
C ILE A 291 -29.75 -10.92 -9.92
N GLN A 292 -29.04 -10.26 -10.84
CA GLN A 292 -29.68 -9.67 -12.01
C GLN A 292 -30.52 -10.73 -12.73
N HIS A 293 -29.91 -11.88 -13.00
CA HIS A 293 -30.58 -12.98 -13.70
C HIS A 293 -31.90 -13.34 -13.05
N HIS A 294 -31.97 -13.24 -11.73
CA HIS A 294 -33.18 -13.57 -10.99
C HIS A 294 -34.03 -12.35 -10.62
N ALA A 295 -33.67 -11.20 -11.18
CA ALA A 295 -34.45 -9.98 -11.02
C ALA A 295 -34.99 -9.47 -12.38
N LEU A 296 -35.60 -10.36 -13.16
CA LEU A 296 -36.10 -10.01 -14.49
C LEU A 296 -37.61 -9.81 -14.52
N MET B 1 3.76 -14.78 -17.10
CA MET B 1 5.03 -14.46 -16.40
C MET B 1 5.31 -12.97 -16.51
N LEU B 2 5.99 -12.44 -15.48
CA LEU B 2 6.39 -11.06 -15.44
C LEU B 2 7.31 -10.67 -16.59
N LYS B 3 7.19 -9.41 -16.98
CA LYS B 3 8.04 -8.80 -17.98
C LYS B 3 8.83 -7.70 -17.30
N LEU B 4 10.11 -7.97 -17.05
CA LEU B 4 10.98 -7.09 -16.28
C LEU B 4 11.06 -5.69 -16.88
N GLN B 5 10.80 -5.58 -18.18
CA GLN B 5 10.82 -4.31 -18.88
C GLN B 5 9.71 -3.38 -18.39
N THR B 6 8.60 -3.96 -17.95
CA THR B 6 7.43 -3.20 -17.55
C THR B 6 7.55 -2.70 -16.10
N LEU B 7 8.40 -3.35 -15.32
CA LEU B 7 8.62 -2.96 -13.93
C LEU B 7 9.12 -1.52 -13.78
N GLN B 8 10.03 -1.07 -14.63
CA GLN B 8 10.47 0.33 -14.55
C GLN B 8 9.33 1.27 -14.93
N ALA B 9 8.52 0.84 -15.91
CA ALA B 9 7.31 1.55 -16.29
C ALA B 9 6.44 1.81 -15.06
N LEU B 10 6.09 0.72 -14.34
CA LEU B 10 5.31 0.83 -13.11
C LEU B 10 5.95 1.75 -12.07
N ILE B 11 7.27 1.60 -11.89
CA ILE B 11 8.05 2.40 -10.94
C ILE B 11 7.88 3.88 -11.26
N CYS B 12 8.11 4.22 -12.52
CA CYS B 12 7.99 5.56 -13.05
C CYS B 12 6.60 6.16 -12.85
N ILE B 13 5.58 5.37 -13.21
CA ILE B 13 4.17 5.78 -13.05
C ILE B 13 3.78 6.08 -11.61
N GLU B 14 4.34 5.32 -10.65
CA GLU B 14 4.06 5.57 -9.24
C GLU B 14 4.75 6.83 -8.73
N GLU B 15 5.87 7.19 -9.34
CA GLU B 15 6.61 8.37 -8.91
C GLU B 15 5.95 9.64 -9.41
N VAL B 16 5.84 9.80 -10.73
CA VAL B 16 5.22 11.01 -11.31
C VAL B 16 3.70 11.08 -11.07
N GLY B 17 3.10 9.94 -10.69
CA GLY B 17 1.70 9.90 -10.28
C GLY B 17 0.67 10.15 -11.37
N SER B 18 1.14 10.32 -12.61
CA SER B 18 0.24 10.56 -13.72
C SER B 18 0.37 9.56 -14.87
N LEU B 19 -0.78 9.20 -15.39
CA LEU B 19 -0.94 8.49 -16.66
C LEU B 19 -0.05 9.07 -17.78
N ARG B 20 -0.32 10.32 -18.16
CA ARG B 20 0.36 10.94 -19.31
C ARG B 20 1.78 11.41 -18.99
N ALA B 21 1.99 11.91 -17.77
CA ALA B 21 3.31 12.39 -17.36
C ALA B 21 4.37 11.29 -17.44
N ALA B 22 3.90 10.05 -17.49
CA ALA B 22 4.77 8.89 -17.64
C ALA B 22 5.31 8.71 -19.06
N ALA B 23 4.65 9.33 -20.04
CA ALA B 23 5.00 9.19 -21.46
C ALA B 23 6.47 9.51 -21.79
N GLN B 24 7.14 10.18 -20.86
CA GLN B 24 8.58 10.42 -20.93
C GLN B 24 9.41 9.12 -20.86
N LEU B 25 8.72 7.99 -20.86
CA LEU B 25 9.34 6.67 -21.00
C LEU B 25 9.67 6.41 -22.46
N LEU B 26 9.77 7.50 -23.21
CA LEU B 26 9.76 7.51 -24.69
C LEU B 26 8.58 6.71 -25.27
N HIS B 27 7.39 6.99 -24.72
CA HIS B 27 6.14 6.61 -25.37
C HIS B 27 5.40 7.87 -25.80
N LEU B 28 6.17 8.81 -26.36
CA LEU B 28 5.65 10.03 -26.99
C LEU B 28 5.09 9.72 -28.39
N SER B 29 4.92 8.43 -28.66
CA SER B 29 4.36 7.94 -29.92
C SER B 29 2.99 7.28 -29.72
N GLN B 30 2.81 6.58 -28.60
CA GLN B 30 1.54 5.90 -28.24
C GLN B 30 1.32 5.67 -26.74
N PRO B 31 0.04 5.65 -26.31
CA PRO B 31 -0.37 5.23 -24.96
C PRO B 31 -0.41 3.71 -24.77
N ALA B 32 0.54 3.00 -25.38
CA ALA B 32 0.70 1.55 -25.21
C ALA B 32 1.51 1.21 -23.95
N LEU B 33 1.65 2.22 -23.10
CA LEU B 33 2.04 2.04 -21.72
C LEU B 33 0.91 1.27 -21.05
N SER B 34 -0.33 1.63 -21.38
CA SER B 34 -1.51 0.95 -20.88
C SER B 34 -1.49 -0.55 -21.17
N ALA B 35 -1.19 -0.94 -22.42
CA ALA B 35 -1.07 -2.35 -22.78
C ALA B 35 -0.01 -3.08 -21.95
N ALA B 36 1.13 -2.42 -21.73
CA ALA B 36 2.21 -2.92 -20.88
C ALA B 36 1.76 -3.18 -19.44
N ILE B 37 0.95 -2.28 -18.89
CA ILE B 37 0.40 -2.44 -17.54
C ILE B 37 -0.71 -3.50 -17.50
N GLN B 38 -1.51 -3.58 -18.58
CA GLN B 38 -2.56 -4.60 -18.72
C GLN B 38 -1.99 -6.00 -18.57
N GLN B 39 -0.82 -6.21 -19.18
CA GLN B 39 -0.13 -7.49 -19.11
C GLN B 39 0.31 -7.81 -17.70
N LEU B 40 0.94 -6.82 -17.05
CA LEU B 40 1.45 -6.95 -15.70
C LEU B 40 0.30 -7.24 -14.74
N GLU B 41 -0.81 -6.53 -14.93
CA GLU B 41 -2.00 -6.70 -14.10
C GLU B 41 -2.60 -8.09 -14.27
N ASP B 42 -2.52 -8.63 -15.45
CA ASP B 42 -3.02 -9.96 -15.67
C ASP B 42 -2.08 -11.07 -15.18
N GLU B 43 -0.78 -10.80 -15.14
CA GLU B 43 0.23 -11.73 -14.65
C GLU B 43 0.11 -11.88 -13.15
N LEU B 44 -0.26 -10.80 -12.50
CA LEU B 44 -0.45 -10.80 -11.09
C LEU B 44 -1.89 -11.04 -10.77
N LYS B 45 -2.71 -10.90 -11.79
CA LYS B 45 -4.16 -11.05 -11.76
C LYS B 45 -4.79 -10.13 -10.70
N ALA B 46 -4.38 -8.87 -10.74
CA ALA B 46 -4.77 -7.88 -9.75
C ALA B 46 -4.61 -6.50 -10.34
N PRO B 47 -5.56 -5.59 -10.03
CA PRO B 47 -5.39 -4.20 -10.45
C PRO B 47 -4.21 -3.56 -9.74
N LEU B 48 -3.36 -2.88 -10.50
CA LEU B 48 -2.18 -2.23 -9.93
C LEU B 48 -2.35 -0.74 -9.80
N LEU B 49 -2.95 -0.12 -10.81
CA LEU B 49 -3.20 1.31 -10.81
C LEU B 49 -4.68 1.58 -10.61
N VAL B 50 -5.04 2.83 -10.38
CA VAL B 50 -6.43 3.17 -10.14
C VAL B 50 -6.73 4.58 -10.61
N ARG B 51 -7.81 4.71 -11.39
CA ARG B 51 -8.30 5.98 -11.88
C ARG B 51 -8.61 6.86 -10.67
N THR B 52 -7.88 7.97 -10.53
CA THR B 52 -7.98 8.76 -9.29
C THR B 52 -8.18 10.27 -9.44
N LYS B 53 -8.35 10.93 -8.30
CA LYS B 53 -8.75 12.34 -8.17
C LYS B 53 -7.83 13.32 -8.90
N ARG B 54 -6.53 13.04 -8.89
CA ARG B 54 -5.55 13.92 -9.53
C ARG B 54 -4.85 13.22 -10.71
N GLY B 55 -5.14 11.94 -10.91
CA GLY B 55 -4.58 11.21 -12.03
C GLY B 55 -4.61 9.70 -11.83
N VAL B 56 -3.48 9.14 -11.44
CA VAL B 56 -3.40 7.69 -11.20
C VAL B 56 -2.72 7.34 -9.88
N SER B 57 -3.31 6.39 -9.14
CA SER B 57 -2.77 5.92 -7.86
C SER B 57 -2.69 4.40 -7.82
N LEU B 58 -1.63 3.88 -7.21
CA LEU B 58 -1.50 2.44 -6.98
C LEU B 58 -2.61 1.94 -6.05
N THR B 59 -3.07 0.73 -6.32
CA THR B 59 -3.93 0.00 -5.40
C THR B 59 -3.05 -0.57 -4.29
N SER B 60 -3.64 -1.16 -3.26
CA SER B 60 -2.86 -1.82 -2.23
C SER B 60 -1.94 -2.91 -2.83
N PHE B 61 -2.41 -3.54 -3.91
CA PHE B 61 -1.61 -4.50 -4.64
C PHE B 61 -0.39 -3.83 -5.25
N GLY B 62 -0.60 -2.70 -5.92
CA GLY B 62 0.50 -1.94 -6.52
C GLY B 62 1.56 -1.58 -5.49
N GLN B 63 1.12 -1.04 -4.37
CA GLN B 63 2.00 -0.68 -3.26
C GLN B 63 2.81 -1.86 -2.75
N ALA B 64 2.16 -3.01 -2.53
CA ALA B 64 2.85 -4.21 -2.09
C ALA B 64 3.91 -4.66 -3.09
N PHE B 65 3.61 -4.46 -4.36
CA PHE B 65 4.49 -4.91 -5.44
C PHE B 65 5.78 -4.08 -5.64
N MET B 66 5.82 -2.86 -5.10
CA MET B 66 6.91 -1.91 -5.40
C MET B 66 8.29 -2.32 -4.91
N LYS B 67 8.35 -2.82 -3.67
CA LYS B 67 9.63 -3.25 -3.08
C LYS B 67 10.28 -4.34 -3.92
N HIS B 68 9.47 -5.30 -4.36
CA HIS B 68 9.91 -6.35 -5.28
C HIS B 68 10.32 -5.83 -6.66
N ALA B 69 9.48 -4.97 -7.24
CA ALA B 69 9.79 -4.32 -8.52
C ALA B 69 11.13 -3.57 -8.45
N ARG B 70 11.31 -2.77 -7.40
CA ARG B 70 12.52 -1.96 -7.20
C ARG B 70 13.81 -2.80 -7.02
N LEU B 71 13.71 -3.90 -6.27
CA LEU B 71 14.85 -4.79 -6.03
C LEU B 71 15.25 -5.49 -7.32
N ILE B 72 14.25 -5.94 -8.08
CA ILE B 72 14.47 -6.54 -9.39
C ILE B 72 15.18 -5.60 -10.38
N VAL B 73 14.66 -4.39 -10.52
CA VAL B 73 15.23 -3.42 -11.44
C VAL B 73 16.66 -3.04 -11.02
N THR B 74 16.86 -2.70 -9.75
CA THR B 74 18.19 -2.32 -9.27
C THR B 74 19.21 -3.45 -9.22
N GLU B 75 18.75 -4.69 -9.02
CA GLU B 75 19.64 -5.85 -9.04
C GLU B 75 20.05 -6.14 -10.49
N SER B 76 19.11 -5.99 -11.42
CA SER B 76 19.43 -6.14 -12.83
C SER B 76 20.47 -5.12 -13.26
N ARG B 77 20.34 -3.88 -12.78
CA ARG B 77 21.27 -2.83 -13.15
C ARG B 77 22.63 -3.13 -12.54
N ARG B 78 22.63 -3.58 -11.29
CA ARG B 78 23.87 -3.93 -10.62
C ARG B 78 24.59 -5.14 -11.28
N ALA B 79 23.82 -6.11 -11.77
CA ALA B 79 24.36 -7.26 -12.50
C ALA B 79 25.17 -6.82 -13.72
N GLN B 80 24.57 -5.91 -14.49
CA GLN B 80 25.14 -5.38 -15.72
C GLN B 80 26.38 -4.49 -15.45
N GLU B 81 26.29 -3.59 -14.47
CA GLU B 81 27.41 -2.72 -14.12
C GLU B 81 28.62 -3.53 -13.61
N GLU B 82 28.37 -4.51 -12.74
CA GLU B 82 29.41 -5.45 -12.28
C GLU B 82 30.19 -6.11 -13.41
N ILE B 83 29.48 -6.66 -14.39
CA ILE B 83 30.12 -7.35 -15.52
C ILE B 83 31.09 -6.42 -16.26
N GLY B 84 30.67 -5.18 -16.49
CA GLY B 84 31.53 -4.21 -17.14
C GLY B 84 32.74 -3.85 -16.30
N GLN B 85 32.52 -3.77 -14.99
CA GLN B 85 33.58 -3.48 -14.03
C GLN B 85 34.59 -4.63 -14.00
N LEU B 86 34.08 -5.86 -14.05
CA LEU B 86 34.93 -7.03 -14.11
C LEU B 86 35.76 -7.06 -15.37
N ARG B 87 35.36 -6.25 -16.35
CA ARG B 87 36.14 -6.10 -17.57
C ARG B 87 36.95 -4.80 -17.58
N GLY B 88 37.02 -4.14 -16.44
CA GLY B 88 37.82 -2.91 -16.29
C GLY B 88 37.17 -1.68 -16.92
N ARG B 89 35.92 -1.81 -17.31
CA ARG B 89 35.12 -0.67 -17.73
C ARG B 89 34.41 -0.16 -16.46
N TRP B 90 34.94 0.91 -15.87
CA TRP B 90 34.47 1.38 -14.58
C TRP B 90 33.35 2.43 -14.69
N GLU B 91 32.14 1.94 -14.98
CA GLU B 91 30.95 2.77 -15.15
C GLU B 91 29.88 2.26 -14.19
N GLY B 92 28.85 3.06 -13.95
CA GLY B 92 27.73 2.62 -13.13
C GLY B 92 27.37 3.54 -11.98
N HIS B 93 26.54 3.04 -11.07
CA HIS B 93 25.96 3.85 -10.00
C HIS B 93 26.31 3.35 -8.60
N ILE B 94 26.42 4.29 -7.66
CA ILE B 94 26.49 4.01 -6.23
C ILE B 94 25.60 5.02 -5.51
N THR B 95 24.66 4.50 -4.73
CA THR B 95 23.83 5.35 -3.89
C THR B 95 24.04 4.89 -2.45
N PHE B 96 24.31 5.84 -1.56
CA PHE B 96 24.60 5.48 -0.18
C PHE B 96 24.15 6.59 0.78
N ALA B 97 23.92 6.23 2.04
CA ALA B 97 23.62 7.20 3.07
C ALA B 97 24.78 7.33 4.08
N ALA B 98 24.89 8.52 4.67
CA ALA B 98 25.92 8.77 5.68
C ALA B 98 25.40 9.59 6.87
N SER B 99 25.83 9.20 8.07
CA SER B 99 25.65 9.99 9.29
C SER B 99 26.55 11.24 9.28
N PRO B 100 26.22 12.25 10.10
CA PRO B 100 26.95 13.52 10.09
C PRO B 100 28.45 13.42 10.38
N ALA B 101 28.87 12.49 11.23
CA ALA B 101 30.29 12.37 11.61
C ALA B 101 31.18 11.82 10.48
N ILE B 102 30.60 10.95 9.65
CA ILE B 102 31.26 10.47 8.47
C ILE B 102 31.19 11.55 7.39
N ALA B 103 30.02 12.17 7.26
CA ALA B 103 29.78 13.12 6.17
C ALA B 103 30.66 14.36 6.21
N LEU B 104 31.05 14.78 7.41
CA LEU B 104 31.79 16.04 7.61
C LEU B 104 33.31 15.92 7.66
N ALA B 105 33.83 14.71 7.80
CA ALA B 105 35.27 14.47 7.93
C ALA B 105 35.78 13.50 6.87
N ALA B 106 35.51 12.21 7.03
CA ALA B 106 36.05 11.22 6.10
C ALA B 106 35.49 11.38 4.69
N LEU B 107 34.18 11.60 4.57
CA LEU B 107 33.50 11.58 3.29
C LEU B 107 34.07 12.50 2.17
N PRO B 108 34.34 13.78 2.48
CA PRO B 108 34.90 14.65 1.43
C PRO B 108 36.20 14.13 0.81
N LEU B 109 37.06 13.58 1.66
CA LEU B 109 38.35 13.05 1.23
C LEU B 109 38.18 11.75 0.47
N ALA B 110 37.26 10.92 0.91
CA ALA B 110 36.99 9.63 0.30
C ALA B 110 36.35 9.78 -1.08
N LEU B 111 35.39 10.68 -1.20
CA LEU B 111 34.72 10.89 -2.48
C LEU B 111 35.72 11.38 -3.54
N ALA B 112 36.60 12.30 -3.15
CA ALA B 112 37.63 12.83 -4.04
C ALA B 112 38.64 11.77 -4.48
N SER B 113 39.01 10.89 -3.55
CA SER B 113 39.93 9.79 -3.84
C SER B 113 39.29 8.86 -4.84
N PHE B 114 38.07 8.43 -4.51
CA PHE B 114 37.30 7.55 -5.36
C PHE B 114 37.11 8.08 -6.78
N ALA B 115 36.71 9.34 -6.90
CA ALA B 115 36.47 9.96 -8.21
C ALA B 115 37.74 10.01 -9.06
N ARG B 116 38.89 10.18 -8.41
CA ARG B 116 40.19 10.19 -9.10
C ARG B 116 40.56 8.83 -9.71
N GLU B 117 40.12 7.75 -9.06
CA GLU B 117 40.41 6.38 -9.48
C GLU B 117 39.30 5.82 -10.34
N PHE B 118 38.07 6.23 -10.05
CA PHE B 118 36.91 5.78 -10.80
C PHE B 118 36.14 6.99 -11.38
N PRO B 119 36.77 7.72 -12.34
CA PRO B 119 36.19 8.99 -12.81
C PRO B 119 34.77 8.86 -13.36
N ASP B 120 34.39 7.70 -13.86
CA ASP B 120 33.11 7.57 -14.56
C ASP B 120 31.93 6.99 -13.78
N VAL B 121 32.14 6.64 -12.51
CA VAL B 121 31.08 6.11 -11.66
C VAL B 121 30.22 7.23 -11.09
N THR B 122 28.91 7.14 -11.30
CA THR B 122 27.96 8.13 -10.77
C THR B 122 27.58 7.78 -9.34
N VAL B 123 27.94 8.68 -8.42
CA VAL B 123 27.74 8.47 -7.00
C VAL B 123 26.63 9.40 -6.47
N ASN B 124 25.78 8.82 -5.64
CA ASN B 124 24.66 9.53 -5.06
C ASN B 124 24.76 9.55 -3.52
N VAL B 125 24.85 10.74 -2.94
CA VAL B 125 25.14 10.91 -1.48
C VAL B 125 23.94 11.45 -0.70
N ARG B 126 23.52 10.71 0.33
CA ARG B 126 22.32 11.06 1.10
C ARG B 126 22.56 11.05 2.61
N ASP B 127 21.76 11.84 3.33
CA ASP B 127 21.67 11.72 4.78
C ASP B 127 20.94 10.42 5.07
N GLY B 128 21.21 9.83 6.22
CA GLY B 128 20.50 8.62 6.58
C GLY B 128 20.93 8.09 7.91
N MET B 129 20.01 7.42 8.59
CA MET B 129 20.28 6.82 9.86
C MET B 129 19.57 5.46 9.98
N TYR B 130 20.11 4.58 10.81
CA TYR B 130 19.47 3.33 11.16
C TYR B 130 18.54 3.59 12.33
N PRO B 131 17.32 3.02 12.33
CA PRO B 131 16.78 2.06 11.36
C PRO B 131 16.01 2.63 10.16
N ALA B 132 15.90 3.95 10.03
CA ALA B 132 15.15 4.52 8.89
C ALA B 132 15.64 4.06 7.50
N VAL B 133 16.94 3.78 7.36
CA VAL B 133 17.52 3.36 6.08
C VAL B 133 17.15 1.91 5.67
N SER B 134 16.76 1.09 6.64
CA SER B 134 16.52 -0.35 6.40
C SER B 134 15.70 -0.71 5.15
N PRO B 135 14.54 -0.08 4.92
CA PRO B 135 13.74 -0.49 3.75
C PRO B 135 14.34 -0.10 2.39
N GLN B 136 15.21 0.90 2.35
CA GLN B 136 15.90 1.26 1.12
C GLN B 136 17.12 0.35 0.91
N LEU B 137 17.70 -0.10 2.02
CA LEU B 137 18.68 -1.19 1.96
C LEU B 137 18.00 -2.44 1.40
N ARG B 138 16.81 -2.76 1.91
CA ARG B 138 16.10 -3.97 1.52
C ARG B 138 15.66 -4.03 0.07
N ASP B 139 15.28 -2.89 -0.50
CA ASP B 139 14.79 -2.90 -1.89
C ASP B 139 15.85 -2.50 -2.92
N GLY B 140 17.10 -2.48 -2.50
CA GLY B 140 18.22 -2.21 -3.39
C GLY B 140 18.43 -0.77 -3.79
N THR B 141 17.53 0.13 -3.38
CA THR B 141 17.64 1.54 -3.78
C THR B 141 18.78 2.32 -3.09
N LEU B 142 19.32 1.76 -2.00
CA LEU B 142 20.60 2.21 -1.38
C LEU B 142 21.56 1.04 -1.38
N ASP B 143 22.79 1.26 -1.86
CA ASP B 143 23.82 0.22 -1.84
C ASP B 143 24.37 -0.07 -0.44
N PHE B 144 24.51 0.98 0.37
CA PHE B 144 24.96 0.83 1.74
C PHE B 144 24.60 2.07 2.53
N ALA B 145 24.62 1.94 3.84
CA ALA B 145 24.42 3.05 4.75
C ALA B 145 25.57 3.09 5.75
N LEU B 146 26.12 4.27 5.97
CA LEU B 146 27.18 4.50 6.96
C LEU B 146 26.54 5.21 8.14
N THR B 147 26.21 4.45 9.18
CA THR B 147 25.31 4.94 10.22
C THR B 147 25.71 4.41 11.60
N ALA B 148 25.38 5.12 12.66
CA ALA B 148 25.47 4.54 14.02
C ALA B 148 24.44 3.43 14.14
N ALA B 149 24.77 2.43 14.95
CA ALA B 149 23.89 1.31 15.21
C ALA B 149 24.40 0.64 16.48
N HIS B 150 23.59 -0.26 17.02
CA HIS B 150 24.01 -1.11 18.13
C HIS B 150 24.15 -2.54 17.61
N LYS B 151 25.36 -3.08 17.73
CA LYS B 151 25.70 -4.42 17.28
C LYS B 151 24.63 -5.44 17.66
N HIS B 152 24.29 -5.47 18.94
CA HIS B 152 23.38 -6.48 19.49
C HIS B 152 21.93 -6.27 19.06
N ASP B 153 21.69 -5.32 18.16
CA ASP B 153 20.33 -5.00 17.72
C ASP B 153 20.27 -4.47 16.28
N ILE B 154 20.83 -5.24 15.36
CA ILE B 154 20.76 -4.96 13.94
C ILE B 154 20.01 -6.10 13.30
N ASP B 155 19.04 -5.80 12.45
CA ASP B 155 18.24 -6.84 11.78
C ASP B 155 19.10 -7.93 11.11
N THR B 156 18.61 -9.17 11.18
CA THR B 156 19.35 -10.37 10.75
C THR B 156 19.81 -10.41 9.29
N ASP B 157 19.05 -9.80 8.40
CA ASP B 157 19.36 -9.79 6.97
C ASP B 157 20.34 -8.67 6.61
N LEU B 158 20.72 -7.89 7.62
CA LEU B 158 21.69 -6.84 7.45
C LEU B 158 23.07 -7.25 7.94
N GLU B 159 24.05 -7.02 7.06
CA GLU B 159 25.49 -7.12 7.26
C GLU B 159 25.92 -5.82 7.93
N ALA B 160 26.80 -5.91 8.93
CA ALA B 160 27.25 -4.71 9.65
C ALA B 160 28.76 -4.71 9.88
N GLN B 161 29.45 -3.77 9.23
CA GLN B 161 30.88 -3.71 9.33
C GLN B 161 31.35 -2.42 10.02
N PRO B 162 32.07 -2.58 11.16
CA PRO B 162 32.49 -1.43 11.95
C PRO B 162 33.33 -0.49 11.10
N LEU B 163 32.99 0.79 11.11
CA LEU B 163 33.69 1.78 10.31
C LEU B 163 34.51 2.72 11.20
N TYR B 164 33.90 3.17 12.30
CA TYR B 164 34.45 4.23 13.12
C TYR B 164 33.79 4.20 14.50
N VAL B 165 34.56 4.42 15.56
CA VAL B 165 33.98 4.57 16.89
C VAL B 165 33.85 6.04 17.23
N SER B 166 32.62 6.54 17.24
CA SER B 166 32.41 7.96 17.37
C SER B 166 32.37 8.43 18.82
N ASP B 167 32.14 9.73 18.99
CA ASP B 167 32.28 10.38 20.27
C ASP B 167 31.08 11.28 20.49
N VAL B 168 30.39 11.09 21.61
CA VAL B 168 29.24 11.92 21.95
C VAL B 168 29.67 13.08 22.85
N VAL B 169 29.20 14.30 22.57
CA VAL B 169 29.36 15.41 23.52
C VAL B 169 28.04 16.11 23.84
N ILE B 170 28.05 16.90 24.91
CA ILE B 170 26.89 17.63 25.34
C ILE B 170 27.15 19.11 25.05
N VAL B 171 26.25 19.72 24.28
CA VAL B 171 26.49 21.05 23.72
C VAL B 171 25.42 22.07 24.12
N GLY B 172 25.85 23.29 24.37
CA GLY B 172 24.92 24.35 24.72
C GLY B 172 25.42 25.68 24.17
N GLN B 173 24.60 26.71 24.33
CA GLN B 173 24.98 28.07 24.00
C GLN B 173 26.23 28.48 24.83
N ARG B 174 27.07 29.34 24.27
CA ARG B 174 28.40 29.59 24.82
C ARG B 174 28.47 30.09 26.28
N GLN B 175 27.51 30.93 26.67
CA GLN B 175 27.44 31.39 28.05
C GLN B 175 26.25 30.79 28.76
N HIS B 176 25.97 29.54 28.44
CA HIS B 176 24.92 28.79 29.12
C HIS B 176 25.13 28.85 30.63
N PRO B 177 24.03 28.87 31.40
CA PRO B 177 24.08 28.79 32.87
C PRO B 177 24.91 27.59 33.38
N MET B 178 24.79 26.45 32.71
CA MET B 178 25.48 25.22 33.08
C MET B 178 26.80 25.03 32.32
N ALA B 179 27.29 26.08 31.67
CA ALA B 179 28.47 25.95 30.80
C ALA B 179 29.62 25.23 31.50
N ASN B 180 29.70 25.37 32.82
CA ASN B 180 30.80 24.82 33.58
C ASN B 180 30.46 23.57 34.40
N ALA B 181 29.26 23.02 34.18
CA ALA B 181 28.87 21.80 34.87
C ALA B 181 29.85 20.64 34.56
N THR B 182 30.10 19.79 35.53
CA THR B 182 30.99 18.64 35.31
C THR B 182 30.28 17.30 35.51
N ARG B 183 29.03 17.36 35.93
CA ARG B 183 28.26 16.17 36.27
C ARG B 183 26.91 16.19 35.58
N LEU B 184 26.48 15.03 35.08
CA LEU B 184 25.18 14.91 34.42
C LEU B 184 24.07 15.38 35.36
N ALA B 185 24.20 15.03 36.63
CA ALA B 185 23.21 15.38 37.64
C ALA B 185 22.94 16.90 37.70
N GLU B 186 23.95 17.71 37.40
CA GLU B 186 23.81 19.17 37.37
C GLU B 186 22.91 19.68 36.23
N LEU B 187 22.68 18.84 35.23
CA LEU B 187 21.87 19.22 34.07
C LEU B 187 20.42 18.75 34.19
N GLN B 188 20.10 18.17 35.35
CA GLN B 188 18.79 17.57 35.59
C GLN B 188 17.61 18.45 35.20
N GLU B 189 17.72 19.75 35.47
CA GLU B 189 16.59 20.65 35.29
C GLU B 189 16.51 21.28 33.90
N CYS B 190 17.54 21.04 33.09
CA CYS B 190 17.64 21.64 31.77
C CYS B 190 16.63 21.10 30.78
N ARG B 191 16.26 21.97 29.84
CA ARG B 191 15.44 21.61 28.70
C ARG B 191 16.36 21.15 27.58
N TRP B 192 15.97 20.07 26.90
CA TRP B 192 16.81 19.47 25.89
C TRP B 192 16.23 19.52 24.49
N ALA B 193 17.11 19.62 23.50
CA ALA B 193 16.73 19.40 22.12
C ALA B 193 17.07 17.95 21.78
N PHE B 194 16.05 17.12 21.66
CA PHE B 194 16.25 15.71 21.33
C PHE B 194 16.71 15.53 19.87
N SER B 195 17.95 15.04 19.73
CA SER B 195 18.55 14.78 18.42
C SER B 195 18.34 13.34 18.03
N SER B 196 18.39 13.07 16.74
CA SER B 196 18.11 11.73 16.22
C SER B 196 19.17 10.69 16.61
N ALA B 197 18.72 9.45 16.76
CA ALA B 197 19.55 8.33 17.20
C ALA B 197 18.79 7.06 16.89
N PRO B 198 19.52 5.93 16.71
CA PRO B 198 18.90 4.64 16.41
C PRO B 198 17.72 4.25 17.32
N ARG B 199 17.87 4.42 18.63
CA ARG B 199 16.82 4.03 19.59
C ARG B 199 15.71 5.08 19.78
N GLY B 200 15.67 6.08 18.90
CA GLY B 200 14.62 7.12 18.96
C GLY B 200 15.14 8.53 19.25
N PRO B 201 14.26 9.54 19.09
CA PRO B 201 14.71 10.91 19.29
C PRO B 201 15.11 11.14 20.76
N GLY B 202 16.32 11.66 20.97
CA GLY B 202 16.87 11.86 22.31
C GLY B 202 17.25 10.61 23.10
N ALA B 203 17.34 9.46 22.43
CA ALA B 203 17.63 8.21 23.11
C ALA B 203 18.97 8.22 23.88
N ILE B 204 19.93 8.98 23.39
CA ILE B 204 21.24 9.04 24.02
C ILE B 204 21.16 9.71 25.39
N ILE B 205 20.59 10.91 25.46
CA ILE B 205 20.51 11.64 26.73
C ILE B 205 19.50 10.96 27.68
N ARG B 206 18.43 10.42 27.11
CA ARG B 206 17.44 9.65 27.86
C ARG B 206 18.07 8.44 28.54
N ASN B 207 18.76 7.63 27.75
CA ASN B 207 19.42 6.44 28.31
C ASN B 207 20.61 6.76 29.21
N ALA B 208 21.30 7.88 29.01
CA ALA B 208 22.32 8.33 29.92
C ALA B 208 21.78 8.78 31.29
N PHE B 209 20.73 9.57 31.29
CA PHE B 209 20.10 10.08 32.49
C PHE B 209 19.62 8.88 33.29
N ALA B 210 19.08 7.88 32.62
CA ALA B 210 18.62 6.70 33.25
C ALA B 210 19.72 5.95 33.97
N ARG B 211 20.78 5.60 33.26
CA ARG B 211 21.92 4.89 33.87
C ARG B 211 22.56 5.66 35.02
N TYR B 212 22.54 6.98 34.96
CA TYR B 212 23.13 7.79 36.03
C TYR B 212 22.13 8.10 37.15
N GLY B 213 21.00 7.41 37.11
CA GLY B 213 20.04 7.41 38.20
C GLY B 213 19.07 8.58 38.20
N LEU B 214 19.06 9.37 37.12
CA LEU B 214 18.24 10.56 37.04
C LEU B 214 16.85 10.23 36.51
N PRO B 215 15.88 11.16 36.68
CA PRO B 215 14.57 11.08 36.02
C PRO B 215 14.67 11.44 34.53
N GLU B 216 13.55 11.29 33.81
CA GLU B 216 13.52 11.62 32.38
C GLU B 216 14.07 13.03 32.12
N PRO B 217 14.94 13.20 31.11
CA PRO B 217 15.37 14.55 30.79
C PRO B 217 14.18 15.39 30.29
N LYS B 218 14.25 16.70 30.49
CA LYS B 218 13.15 17.58 30.11
C LYS B 218 13.21 17.99 28.64
N LEU B 219 12.14 17.70 27.92
CA LEU B 219 12.05 17.95 26.49
C LEU B 219 11.82 19.42 26.21
N GLY B 220 12.70 20.01 25.41
CA GLY B 220 12.53 21.37 24.93
C GLY B 220 11.97 21.31 23.53
N LEU B 221 12.62 20.52 22.67
CA LEU B 221 12.11 20.20 21.33
C LEU B 221 12.77 18.96 20.69
N VAL B 222 12.13 18.44 19.66
CA VAL B 222 12.71 17.38 18.87
C VAL B 222 13.27 18.01 17.60
N CYS B 223 14.55 17.76 17.37
CA CYS B 223 15.22 18.30 16.19
C CYS B 223 15.93 17.20 15.44
N GLU B 224 15.25 16.66 14.42
CA GLU B 224 15.81 15.61 13.60
C GLU B 224 16.85 16.12 12.60
N SER B 225 16.77 17.39 12.24
CA SER B 225 17.75 17.98 11.31
C SER B 225 19.09 18.36 11.96
N PHE B 226 20.14 17.60 11.67
CA PHE B 226 21.46 17.93 12.19
C PHE B 226 22.00 19.23 11.62
N LEU B 227 21.58 19.56 10.41
CA LEU B 227 21.88 20.86 9.85
C LEU B 227 21.37 21.99 10.75
N ALA B 228 20.16 21.84 11.30
CA ALA B 228 19.54 22.84 12.19
C ALA B 228 20.03 22.87 13.65
N LEU B 229 20.49 21.72 14.16
CA LEU B 229 20.80 21.58 15.59
C LEU B 229 21.79 22.62 16.16
N PRO B 230 22.98 22.81 15.54
CA PRO B 230 23.88 23.73 16.21
C PRO B 230 23.28 25.12 16.44
N GLY B 231 22.66 25.69 15.40
CA GLY B 231 22.03 27.02 15.50
C GLY B 231 20.91 27.16 16.51
N VAL B 232 20.05 26.13 16.61
CA VAL B 232 18.93 26.10 17.56
C VAL B 232 19.49 26.20 18.98
N VAL B 233 20.53 25.42 19.23
CA VAL B 233 21.22 25.43 20.51
C VAL B 233 21.92 26.77 20.72
N ALA B 234 22.50 27.32 19.65
CA ALA B 234 23.24 28.56 19.76
C ALA B 234 22.34 29.70 20.24
N HIS B 235 21.09 29.70 19.78
CA HIS B 235 20.19 30.81 20.03
C HIS B 235 19.11 30.53 21.07
N SER B 236 19.44 29.70 22.06
CA SER B 236 18.54 29.33 23.15
C SER B 236 19.34 28.74 24.30
N ASP B 237 18.66 28.29 25.35
CA ASP B 237 19.33 27.62 26.48
C ASP B 237 19.09 26.10 26.47
N LEU B 238 18.70 25.56 25.32
CA LEU B 238 18.55 24.11 25.14
C LEU B 238 19.89 23.42 25.08
N LEU B 239 20.02 22.33 25.81
CA LEU B 239 21.20 21.47 25.70
C LEU B 239 20.89 20.36 24.72
N THR B 240 21.94 19.82 24.10
CA THR B 240 21.77 18.66 23.22
C THR B 240 23.00 17.75 23.29
N THR B 241 22.82 16.51 22.84
CA THR B 241 23.94 15.63 22.51
C THR B 241 24.17 15.71 21.00
N MET B 242 25.42 15.53 20.60
CA MET B 242 25.80 15.50 19.20
C MET B 242 27.17 14.83 19.05
N PRO B 243 27.45 14.25 17.88
CA PRO B 243 28.79 13.79 17.53
C PRO B 243 29.80 14.90 17.70
N ARG B 244 30.93 14.60 18.34
CA ARG B 244 32.03 15.57 18.49
C ARG B 244 32.39 16.23 17.14
N THR B 245 32.47 15.43 16.08
CA THR B 245 32.76 15.93 14.73
C THR B 245 31.79 17.04 14.26
N LEU B 246 30.51 16.90 14.57
CA LEU B 246 29.53 17.95 14.27
C LEU B 246 29.77 19.18 15.16
N TYR B 247 30.00 18.94 16.46
CA TYR B 247 30.29 20.04 17.38
C TYR B 247 31.46 20.86 16.84
N GLU B 248 32.51 20.17 16.43
CA GLU B 248 33.70 20.79 15.86
C GLU B 248 33.54 21.36 14.46
N ARG B 249 32.51 20.92 13.71
CA ARG B 249 32.32 21.41 12.34
C ARG B 249 30.90 21.90 12.00
N ASN B 250 30.59 23.11 12.44
CA ASN B 250 29.32 23.76 12.15
C ASN B 250 29.51 25.27 12.07
N ALA B 251 28.46 26.00 11.71
CA ALA B 251 28.56 27.42 11.42
C ALA B 251 28.49 28.27 12.68
N PHE B 252 28.15 27.65 13.81
CA PHE B 252 27.90 28.38 15.05
C PHE B 252 28.92 28.01 16.12
N LYS B 253 30.07 27.50 15.69
CA LYS B 253 31.15 27.09 16.59
C LYS B 253 31.52 28.20 17.59
N ASP B 254 31.50 29.45 17.14
CA ASP B 254 31.81 30.61 18.00
C ASP B 254 30.82 30.80 19.13
N GLN B 255 29.60 30.34 18.92
CA GLN B 255 28.49 30.67 19.81
C GLN B 255 28.12 29.45 20.64
N LEU B 256 28.93 28.41 20.55
CA LEU B 256 28.65 27.18 21.25
C LEU B 256 29.80 26.81 22.19
N CYS B 257 29.54 25.82 23.03
CA CYS B 257 30.56 25.18 23.86
C CYS B 257 30.13 23.76 24.15
N SER B 258 31.07 22.95 24.61
CA SER B 258 30.73 21.61 25.06
C SER B 258 30.95 21.53 26.56
N ILE B 259 30.00 20.91 27.24
CA ILE B 259 29.96 20.84 28.70
C ILE B 259 31.11 19.97 29.18
N PRO B 260 32.01 20.52 30.01
CA PRO B 260 33.24 19.84 30.44
C PRO B 260 32.98 18.71 31.44
N LEU B 261 32.15 17.77 31.02
CA LEU B 261 31.60 16.74 31.90
C LEU B 261 32.63 15.64 32.23
N GLN B 262 32.66 15.24 33.50
CA GLN B 262 33.50 14.13 33.95
C GLN B 262 32.71 12.81 34.17
N ASP B 263 31.41 12.82 33.86
CA ASP B 263 30.63 11.59 33.76
C ASP B 263 30.83 11.14 32.32
N ALA B 264 31.03 9.85 32.08
CA ALA B 264 31.24 9.40 30.70
C ALA B 264 29.96 9.24 29.89
N LEU B 265 30.06 9.49 28.59
CA LEU B 265 28.95 9.34 27.66
C LEU B 265 29.25 8.22 26.66
N PRO B 266 28.24 7.71 25.93
CA PRO B 266 28.47 6.60 24.97
C PRO B 266 29.42 6.94 23.84
N ASN B 267 29.95 5.91 23.21
CA ASN B 267 30.77 6.06 22.02
C ASN B 267 30.14 5.25 20.89
N PRO B 268 29.09 5.79 20.25
CA PRO B 268 28.39 5.02 19.21
C PRO B 268 29.34 4.52 18.13
N THR B 269 29.25 3.23 17.80
CA THR B 269 29.98 2.64 16.68
C THR B 269 29.26 2.97 15.38
N ILE B 270 29.97 3.57 14.43
CA ILE B 270 29.41 3.76 13.08
C ILE B 270 29.69 2.52 12.25
N TYR B 271 28.67 2.02 11.56
CA TYR B 271 28.81 0.81 10.76
C TYR B 271 28.54 1.06 9.28
N VAL B 272 29.16 0.24 8.45
CA VAL B 272 28.76 0.10 7.06
C VAL B 272 27.68 -0.98 7.08
N LEU B 273 26.44 -0.59 6.74
CA LEU B 273 25.31 -1.53 6.72
C LEU B 273 24.83 -1.84 5.33
N ARG B 274 24.59 -3.11 5.06
CA ARG B 274 24.14 -3.58 3.75
C ARG B 274 23.20 -4.75 3.95
N ARG B 275 22.22 -4.88 3.05
CA ARG B 275 21.45 -6.10 2.95
C ARG B 275 22.43 -7.19 2.56
N HIS B 276 22.60 -8.17 3.44
CA HIS B 276 23.71 -9.12 3.38
C HIS B 276 23.73 -10.01 2.14
N ASP B 277 22.57 -10.46 1.67
CA ASP B 277 22.54 -11.38 0.52
C ASP B 277 22.69 -10.69 -0.84
N LEU B 278 22.95 -9.38 -0.84
CA LEU B 278 23.20 -8.68 -2.09
C LEU B 278 24.69 -8.57 -2.39
N PRO B 279 25.13 -9.10 -3.55
CA PRO B 279 26.55 -9.01 -3.89
C PRO B 279 26.93 -7.57 -4.18
N VAL B 280 27.99 -7.10 -3.52
CA VAL B 280 28.46 -5.72 -3.64
C VAL B 280 29.18 -5.54 -4.96
N THR B 281 28.79 -4.53 -5.74
CA THR B 281 29.47 -4.25 -7.00
C THR B 281 30.92 -3.86 -6.69
N PRO B 282 31.86 -4.22 -7.58
CA PRO B 282 33.27 -3.83 -7.41
C PRO B 282 33.47 -2.32 -7.22
N ALA B 283 32.65 -1.51 -7.86
CA ALA B 283 32.76 -0.06 -7.71
C ALA B 283 32.37 0.40 -6.30
N ALA B 284 31.26 -0.13 -5.80
CA ALA B 284 30.76 0.20 -4.46
C ALA B 284 31.78 -0.25 -3.41
N ALA B 285 32.32 -1.44 -3.63
CA ALA B 285 33.38 -1.99 -2.80
C ALA B 285 34.56 -1.01 -2.74
N GLY B 286 34.92 -0.51 -3.93
CA GLY B 286 35.99 0.47 -4.12
C GLY B 286 35.78 1.72 -3.27
N LEU B 287 34.52 2.17 -3.17
CA LEU B 287 34.21 3.39 -2.40
C LEU B 287 34.24 3.13 -0.91
N ILE B 288 33.73 1.97 -0.48
CA ILE B 288 33.73 1.63 0.94
C ILE B 288 35.18 1.55 1.45
N ARG B 289 36.03 0.95 0.62
CA ARG B 289 37.48 0.93 0.79
C ARG B 289 38.00 2.33 1.12
N TRP B 290 37.64 3.32 0.30
CA TRP B 290 38.11 4.68 0.48
C TRP B 290 37.56 5.37 1.74
N ILE B 291 36.26 5.18 2.01
CA ILE B 291 35.68 5.72 3.23
C ILE B 291 36.36 5.11 4.48
N GLN B 292 36.59 3.80 4.48
CA GLN B 292 37.35 3.15 5.55
C GLN B 292 38.71 3.80 5.75
N HIS B 293 39.44 3.98 4.65
CA HIS B 293 40.79 4.50 4.69
C HIS B 293 40.84 5.87 5.36
N HIS B 294 40.00 6.78 4.87
CA HIS B 294 39.93 8.11 5.43
C HIS B 294 39.31 8.16 6.83
N ALA B 295 38.45 7.19 7.16
CA ALA B 295 37.96 7.06 8.54
C ALA B 295 39.10 6.78 9.53
N LEU B 296 40.32 6.67 8.98
CA LEU B 296 41.61 6.59 9.69
C LEU B 296 41.92 5.20 10.22
#